data_4YZU
#
_entry.id   4YZU
#
_cell.length_a   98.911
_cell.length_b   98.911
_cell.length_c   94.610
_cell.angle_alpha   90.00
_cell.angle_beta   90.00
_cell.angle_gamma   120.00
#
_symmetry.space_group_name_H-M   'H 3'
#
loop_
_entity.id
_entity.type
_entity.pdbx_description
1 polymer 'Coagulation factor IX'
2 polymer 'Coagulation factor IX'
3 non-polymer N-[2-(5,6-dimethyl-1H-benzimidazol-2-yl)ethyl]-4-(4H-1,2,4-triazol-4-yl)benzamide
4 non-polymer 'SODIUM ION'
5 non-polymer '2-[N-CYCLOHEXYLAMINO]ETHANE SULFONIC ACID'
6 non-polymer 'CHLORIDE ION'
7 water water
#
loop_
_entity_poly.entity_id
_entity_poly.type
_entity_poly.pdbx_seq_one_letter_code
_entity_poly.pdbx_strand_id
1 'polypeptide(L)'
;VVGGEDAKPGQFPWQVVLNGKVDAFCGGSIVNEKWIVTAAHCVETGVKITVVAGEHNIEETEHTEQKRNVIRIIPHHNYN
AAINKYNHDIALLELDEPLVLNSYVTPICIADKEYTNIFLKFGSGYVSGWGRVFHKGASALVLQYLRVPLVDRATCLRST
KFTIYNNMFCAGFHEGGRDSCQGDSGGPHVTEVEGTSFLTGIISWGEECAMKGKYGIYTKVSRYVNWIKEKTKLT
;
A
2 'polypeptide(L)' MDVTCNIKNGRCEQFCKNSADNKVVCSCTEGYRLAENQKSCEPAVPFPCGRVSVSQTSKLTR B
#
# COMPACT_ATOMS: atom_id res chain seq x y z
N VAL A 1 12.92 5.05 3.83
CA VAL A 1 12.40 6.25 3.16
C VAL A 1 13.39 7.38 3.35
N VAL A 2 13.83 8.00 2.24
CA VAL A 2 14.73 9.12 2.26
C VAL A 2 13.86 10.37 2.05
N GLY A 3 14.12 11.39 2.85
CA GLY A 3 13.40 12.64 2.70
C GLY A 3 11.99 12.66 3.22
N GLY A 4 11.67 11.70 4.06
CA GLY A 4 10.36 11.62 4.67
C GLY A 4 10.32 12.28 6.04
N GLU A 5 9.22 12.02 6.77
CA GLU A 5 8.98 12.54 8.10
C GLU A 5 8.53 11.42 9.01
N ASP A 6 8.72 11.60 10.32
CA ASP A 6 8.24 10.63 11.28
C ASP A 6 6.70 10.58 11.25
N ALA A 7 6.17 9.39 11.10
CA ALA A 7 4.73 9.21 11.26
C ALA A 7 4.36 9.41 12.74
N LYS A 8 3.15 9.93 12.95
CA LYS A 8 2.64 9.99 14.31
C LYS A 8 2.02 8.63 14.60
N PRO A 9 1.88 8.26 15.89
CA PRO A 9 1.20 7.00 16.21
C PRO A 9 -0.18 6.91 15.55
N GLY A 10 -0.45 5.75 14.96
CA GLY A 10 -1.73 5.51 14.31
C GLY A 10 -1.93 6.23 12.99
N GLN A 11 -0.89 6.91 12.43
CA GLN A 11 -1.12 7.64 11.19
C GLN A 11 -1.23 6.72 9.97
N PHE A 12 -0.58 5.55 10.02
CA PHE A 12 -0.60 4.58 8.91
C PHE A 12 -0.90 3.21 9.53
N PRO A 13 -2.12 3.03 10.04
CA PRO A 13 -2.40 1.86 10.89
C PRO A 13 -2.46 0.53 10.14
N TRP A 14 -2.36 0.57 8.83
CA TRP A 14 -2.28 -0.62 7.99
C TRP A 14 -0.87 -1.06 7.76
N GLN A 15 0.13 -0.28 8.19
CA GLN A 15 1.51 -0.67 7.96
C GLN A 15 1.92 -1.80 8.86
N VAL A 16 2.67 -2.76 8.33
CA VAL A 16 3.33 -3.76 9.15
C VAL A 16 4.81 -3.78 8.83
N VAL A 17 5.58 -4.36 9.74
CA VAL A 17 6.99 -4.61 9.51
C VAL A 17 7.20 -6.14 9.60
N LEU A 18 8.08 -6.67 8.75
CA LEU A 18 8.39 -8.09 8.76
C LEU A 18 9.74 -8.33 9.44
N ASN A 19 9.81 -9.37 10.27
CA ASN A 19 11.02 -9.85 10.95
C ASN A 19 11.26 -11.29 10.54
N GLY A 20 12.52 -11.62 10.33
CA GLY A 20 12.91 -12.97 9.96
C GLY A 20 14.30 -13.24 10.47
N LYS A 21 15.22 -13.63 9.57
CA LYS A 21 16.64 -13.81 9.93
C LYS A 21 17.15 -12.47 10.46
N VAL A 22 16.81 -11.37 9.78
CA VAL A 22 17.13 -9.99 10.16
C VAL A 22 15.77 -9.32 10.49
N ASP A 23 15.73 -8.46 11.51
CA ASP A 23 14.47 -7.80 11.90
C ASP A 23 14.22 -6.55 10.99
N ALA A 24 12.95 -6.20 10.79
CA ALA A 24 12.56 -5.03 10.02
C ALA A 24 13.20 -4.93 8.62
N PHE A 25 13.16 -6.05 7.89
CA PHE A 25 13.81 -6.17 6.59
C PHE A 25 12.90 -5.80 5.39
N CYS A 26 11.61 -5.77 5.64
CA CYS A 26 10.63 -5.40 4.61
C CYS A 26 9.39 -4.90 5.33
N GLY A 27 8.53 -4.27 4.56
CA GLY A 27 7.22 -3.84 5.01
C GLY A 27 6.13 -4.72 4.46
N GLY A 28 4.93 -4.36 4.83
CA GLY A 28 3.70 -5.02 4.37
C GLY A 28 2.51 -4.17 4.73
N SER A 29 1.32 -4.61 4.32
CA SER A 29 0.08 -3.92 4.60
C SER A 29 -0.98 -4.91 5.04
N ILE A 30 -1.81 -4.50 6.00
CA ILE A 30 -2.90 -5.34 6.49
C ILE A 30 -4.04 -5.37 5.49
N VAL A 31 -4.38 -6.57 4.98
CA VAL A 31 -5.56 -6.74 4.13
C VAL A 31 -6.78 -6.97 5.04
N ASN A 32 -6.63 -7.86 6.02
CA ASN A 32 -7.67 -8.13 7.01
C ASN A 32 -7.02 -8.70 8.25
N GLU A 33 -7.79 -9.09 9.25
CA GLU A 33 -7.20 -9.58 10.49
C GLU A 33 -6.29 -10.81 10.33
N LYS A 34 -6.39 -11.56 9.22
CA LYS A 34 -5.56 -12.74 9.01
C LYS A 34 -4.58 -12.66 7.88
N TRP A 35 -4.56 -11.55 7.10
CA TRP A 35 -3.76 -11.52 5.90
C TRP A 35 -3.01 -10.23 5.72
N ILE A 36 -1.74 -10.35 5.30
CA ILE A 36 -0.82 -9.27 4.95
C ILE A 36 -0.46 -9.36 3.46
N VAL A 37 -0.32 -8.23 2.78
CA VAL A 37 0.18 -8.18 1.43
C VAL A 37 1.56 -7.51 1.45
N THR A 38 2.50 -8.11 0.73
CA THR A 38 3.89 -7.65 0.70
C THR A 38 4.48 -7.95 -0.67
N ALA A 39 5.79 -7.77 -0.81
CA ALA A 39 6.49 -8.09 -2.05
C ALA A 39 6.96 -9.54 -1.99
N ALA A 40 6.86 -10.25 -3.10
CA ALA A 40 7.30 -11.64 -3.13
C ALA A 40 8.78 -11.80 -2.92
N HIS A 41 9.59 -10.82 -3.36
CA HIS A 41 11.05 -10.97 -3.18
C HIS A 41 11.46 -10.90 -1.70
N CYS A 42 10.57 -10.39 -0.84
CA CYS A 42 10.85 -10.32 0.61
C CYS A 42 10.71 -11.67 1.28
N VAL A 43 9.93 -12.59 0.67
CA VAL A 43 9.51 -13.78 1.37
C VAL A 43 9.87 -15.02 0.58
N GLU A 44 9.74 -16.15 1.21
CA GLU A 44 10.14 -17.41 0.59
C GLU A 44 9.51 -18.54 1.38
N THR A 45 8.77 -19.45 0.70
CA THR A 45 8.13 -20.57 1.36
C THR A 45 9.18 -21.42 2.06
N GLY A 46 9.06 -21.56 3.37
CA GLY A 46 10.01 -22.28 4.20
C GLY A 46 10.74 -21.42 5.21
N VAL A 47 11.04 -20.14 4.87
CA VAL A 47 11.75 -19.24 5.79
C VAL A 47 10.72 -18.62 6.74
N LYS A 48 11.02 -18.66 8.05
CA LYS A 48 10.11 -18.22 9.11
C LYS A 48 10.01 -16.69 9.21
N ILE A 49 8.77 -16.19 9.16
CA ILE A 49 8.50 -14.76 9.26
C ILE A 49 7.60 -14.47 10.42
N THR A 50 7.83 -13.33 11.06
CA THR A 50 6.87 -12.77 12.02
C THR A 50 6.48 -11.38 11.48
N VAL A 51 5.26 -11.02 11.72
CA VAL A 51 4.70 -9.74 11.33
C VAL A 51 4.45 -8.94 12.57
N VAL A 52 4.78 -7.64 12.56
CA VAL A 52 4.41 -6.78 13.67
C VAL A 52 3.51 -5.65 13.14
N ALA A 53 2.27 -5.62 13.64
CA ALA A 53 1.31 -4.56 13.33
C ALA A 53 1.30 -3.58 14.52
N GLY A 54 0.81 -2.38 14.32
CA GLY A 54 0.72 -1.39 15.39
C GLY A 54 2.07 -0.86 15.83
N GLU A 55 3.09 -0.99 14.98
CA GLU A 55 4.44 -0.54 15.29
C GLU A 55 4.62 0.91 14.90
N HIS A 56 5.52 1.57 15.63
CA HIS A 56 5.80 2.99 15.44
C HIS A 56 7.29 3.19 15.58
N ASN A 57 7.81 3.06 16.80
CA ASN A 57 9.24 3.15 17.08
C ASN A 57 9.72 1.71 17.38
N ILE A 58 10.52 1.11 16.50
CA ILE A 58 10.95 -0.27 16.69
C ILE A 58 11.79 -0.46 17.95
N GLU A 59 12.36 0.61 18.53
CA GLU A 59 13.19 0.43 19.74
C GLU A 59 12.48 0.77 21.04
N GLU A 60 11.15 1.01 21.01
CA GLU A 60 10.42 1.31 22.24
C GLU A 60 9.11 0.56 22.27
N THR A 61 8.73 -0.02 23.41
CA THR A 61 7.45 -0.70 23.53
C THR A 61 6.41 0.39 23.78
N GLU A 62 5.44 0.53 22.87
CA GLU A 62 4.45 1.60 22.91
C GLU A 62 3.02 1.07 23.21
N HIS A 63 2.88 -0.22 23.48
CA HIS A 63 1.63 -0.84 23.93
C HIS A 63 0.53 -0.88 22.89
N THR A 64 0.93 -0.83 21.61
CA THR A 64 0.04 -0.98 20.48
C THR A 64 0.48 -2.09 19.51
N GLU A 65 1.67 -2.66 19.71
CA GLU A 65 2.23 -3.65 18.79
C GLU A 65 1.58 -5.01 18.95
N GLN A 66 1.30 -5.66 17.83
CA GLN A 66 0.75 -7.02 17.78
C GLN A 66 1.64 -7.85 16.88
N LYS A 67 2.27 -8.85 17.46
CA LYS A 67 3.22 -9.73 16.75
C LYS A 67 2.48 -11.00 16.38
N ARG A 68 2.66 -11.48 15.15
CA ARG A 68 2.03 -12.72 14.71
C ARG A 68 2.99 -13.54 13.88
N ASN A 69 2.80 -14.85 13.94
CA ASN A 69 3.57 -15.76 13.13
C ASN A 69 2.87 -15.94 11.80
N VAL A 70 3.64 -16.20 10.75
CA VAL A 70 3.11 -16.48 9.40
C VAL A 70 2.99 -17.99 9.21
N ILE A 71 1.79 -18.48 8.88
CA ILE A 71 1.55 -19.91 8.67
C ILE A 71 1.44 -20.31 7.18
N ARG A 72 1.27 -19.35 6.28
CA ARG A 72 1.22 -19.66 4.86
C ARG A 72 1.72 -18.47 4.07
N ILE A 73 2.56 -18.69 3.04
CA ILE A 73 3.09 -17.67 2.17
C ILE A 73 2.61 -18.00 0.78
N ILE A 74 1.94 -17.02 0.13
CA ILE A 74 1.42 -17.21 -1.22
C ILE A 74 2.04 -16.17 -2.15
N PRO A 75 3.19 -16.49 -2.78
CA PRO A 75 3.69 -15.63 -3.85
C PRO A 75 2.70 -15.66 -5.01
N HIS A 76 2.63 -14.58 -5.82
CA HIS A 76 1.72 -14.61 -6.95
C HIS A 76 2.09 -15.79 -7.83
N HIS A 77 1.09 -16.43 -8.46
CA HIS A 77 1.40 -17.62 -9.26
C HIS A 77 2.35 -17.36 -10.44
N ASN A 78 2.45 -16.08 -10.92
CA ASN A 78 3.38 -15.76 -12.00
C ASN A 78 4.72 -15.30 -11.50
N TYR A 79 4.93 -15.23 -10.17
CA TYR A 79 6.23 -14.87 -9.66
C TYR A 79 7.19 -16.03 -9.87
N ASN A 80 8.40 -15.74 -10.35
CA ASN A 80 9.40 -16.77 -10.56
C ASN A 80 10.74 -16.09 -10.32
N ALA A 81 11.28 -16.24 -9.10
CA ALA A 81 12.53 -15.59 -8.76
C ALA A 81 13.73 -16.04 -9.60
N ALA A 82 13.68 -17.26 -10.17
CA ALA A 82 14.76 -17.76 -11.03
C ALA A 82 14.88 -16.95 -12.34
N ILE A 83 13.77 -16.36 -12.83
CA ILE A 83 13.72 -15.56 -14.04
C ILE A 83 13.86 -14.10 -13.74
N ASN A 84 13.07 -13.59 -12.80
CA ASN A 84 13.14 -12.19 -12.48
C ASN A 84 12.64 -12.01 -11.04
N LYS A 85 13.53 -11.60 -10.15
CA LYS A 85 13.19 -11.37 -8.73
C LYS A 85 12.13 -10.27 -8.55
N TYR A 86 11.93 -9.38 -9.53
CA TYR A 86 11.04 -8.23 -9.39
C TYR A 86 9.79 -8.17 -10.29
N ASN A 87 9.52 -9.18 -11.12
CA ASN A 87 8.30 -9.10 -11.91
C ASN A 87 7.23 -9.88 -11.18
N HIS A 88 6.01 -9.38 -11.17
CA HIS A 88 4.88 -9.95 -10.42
C HIS A 88 5.30 -10.02 -8.94
N ASP A 89 5.90 -8.93 -8.45
CA ASP A 89 6.51 -8.93 -7.15
C ASP A 89 5.51 -8.66 -6.02
N ILE A 90 4.67 -9.64 -5.75
CA ILE A 90 3.61 -9.52 -4.75
C ILE A 90 3.34 -10.87 -4.12
N ALA A 91 3.05 -10.85 -2.81
CA ALA A 91 2.79 -12.08 -2.07
C ALA A 91 1.86 -11.80 -0.91
N LEU A 92 1.17 -12.84 -0.47
CA LEU A 92 0.25 -12.76 0.68
C LEU A 92 0.77 -13.63 1.81
N LEU A 93 0.61 -13.19 3.04
CA LEU A 93 1.04 -13.89 4.24
C LEU A 93 -0.19 -14.12 5.09
N GLU A 94 -0.43 -15.37 5.45
CA GLU A 94 -1.51 -15.73 6.35
C GLU A 94 -0.95 -15.76 7.77
N LEU A 95 -1.67 -15.13 8.71
CA LEU A 95 -1.26 -15.08 10.12
C LEU A 95 -1.80 -16.26 10.88
N ASP A 96 -1.05 -16.71 11.90
CA ASP A 96 -1.46 -17.85 12.72
C ASP A 96 -2.71 -17.58 13.55
N GLU A 97 -2.74 -16.41 14.20
CA GLU A 97 -3.86 -15.99 15.03
C GLU A 97 -4.25 -14.60 14.53
N PRO A 98 -5.55 -14.28 14.47
CA PRO A 98 -5.95 -12.97 13.91
C PRO A 98 -5.44 -11.80 14.72
N LEU A 99 -5.19 -10.72 14.00
CA LEU A 99 -4.93 -9.43 14.61
C LEU A 99 -6.23 -8.97 15.29
N VAL A 100 -6.10 -8.12 16.29
CA VAL A 100 -7.22 -7.46 16.93
C VAL A 100 -7.27 -6.08 16.33
N LEU A 101 -8.28 -5.81 15.51
CA LEU A 101 -8.33 -4.51 14.86
C LEU A 101 -8.70 -3.42 15.85
N ASN A 102 -8.01 -2.28 15.72
CA ASN A 102 -8.20 -1.14 16.58
C ASN A 102 -7.63 0.10 15.89
N SER A 103 -7.61 1.22 16.57
CA SER A 103 -7.12 2.43 15.91
C SER A 103 -5.70 2.41 15.44
N TYR A 104 -4.87 1.49 15.99
CA TYR A 104 -3.49 1.38 15.60
C TYR A 104 -3.23 0.26 14.61
N VAL A 105 -4.24 -0.62 14.41
CA VAL A 105 -4.12 -1.86 13.61
C VAL A 105 -5.40 -1.92 12.79
N THR A 106 -5.32 -1.39 11.58
CA THR A 106 -6.49 -1.17 10.74
C THR A 106 -6.16 -1.59 9.32
N PRO A 107 -7.01 -2.33 8.62
CA PRO A 107 -6.70 -2.67 7.25
C PRO A 107 -6.61 -1.50 6.28
N ILE A 108 -5.91 -1.68 5.17
CA ILE A 108 -5.95 -0.74 4.07
C ILE A 108 -7.13 -1.13 3.21
N CYS A 109 -7.82 -0.12 2.60
CA CYS A 109 -8.90 -0.48 1.67
C CYS A 109 -8.34 -0.95 0.35
N ILE A 110 -9.04 -1.86 -0.31
CA ILE A 110 -8.63 -2.29 -1.63
C ILE A 110 -9.85 -2.22 -2.52
N ALA A 111 -9.81 -1.30 -3.49
CA ALA A 111 -10.90 -1.12 -4.44
C ALA A 111 -10.85 -2.20 -5.52
N ASP A 112 -11.82 -2.21 -6.42
CA ASP A 112 -11.79 -3.12 -7.55
C ASP A 112 -10.69 -2.69 -8.54
N LYS A 113 -10.46 -3.51 -9.55
CA LYS A 113 -9.37 -3.22 -10.51
C LYS A 113 -9.51 -1.85 -11.16
N GLU A 114 -10.72 -1.51 -11.61
CA GLU A 114 -10.96 -0.24 -12.28
C GLU A 114 -10.65 0.94 -11.39
N TYR A 115 -11.17 0.93 -10.17
CA TYR A 115 -10.96 2.05 -9.28
C TYR A 115 -9.56 2.10 -8.70
N THR A 116 -8.92 0.95 -8.48
CA THR A 116 -7.53 1.03 -8.01
C THR A 116 -6.70 1.75 -9.06
N ASN A 117 -6.95 1.44 -10.34
CA ASN A 117 -6.22 2.14 -11.42
C ASN A 117 -6.60 3.61 -11.51
N ILE A 118 -7.88 3.94 -11.36
CA ILE A 118 -8.26 5.37 -11.31
C ILE A 118 -7.53 6.10 -10.18
N PHE A 119 -7.51 5.48 -9.00
CA PHE A 119 -6.81 6.11 -7.88
C PHE A 119 -5.34 6.30 -8.12
N LEU A 120 -4.67 5.32 -8.76
CA LEU A 120 -3.26 5.57 -9.11
C LEU A 120 -3.14 6.75 -10.06
N LYS A 121 -4.08 6.89 -10.97
CA LYS A 121 -4.07 7.98 -11.94
C LYS A 121 -4.26 9.36 -11.31
N PHE A 122 -4.76 9.44 -10.09
CA PHE A 122 -4.83 10.72 -9.39
C PHE A 122 -3.43 11.34 -9.32
N GLY A 123 -2.40 10.51 -9.25
CA GLY A 123 -1.02 11.00 -9.36
C GLY A 123 -0.26 11.31 -8.11
N SER A 124 -0.79 11.00 -6.94
CA SER A 124 -0.08 11.34 -5.71
C SER A 124 -0.44 10.33 -4.66
N GLY A 125 0.55 9.63 -4.12
CA GLY A 125 0.33 8.64 -3.09
C GLY A 125 1.31 8.78 -1.95
N TYR A 126 1.05 8.04 -0.89
CA TYR A 126 1.90 8.03 0.29
C TYR A 126 2.56 6.69 0.43
N VAL A 127 3.88 6.70 0.68
CA VAL A 127 4.65 5.51 0.96
C VAL A 127 5.15 5.60 2.39
N SER A 128 5.38 4.47 3.02
CA SER A 128 5.80 4.46 4.41
C SER A 128 6.64 3.23 4.67
N GLY A 129 7.54 3.34 5.65
CA GLY A 129 8.36 2.20 6.02
C GLY A 129 9.50 2.52 6.96
N TRP A 130 10.18 1.46 7.39
CA TRP A 130 11.36 1.53 8.27
C TRP A 130 12.66 1.26 7.53
N GLY A 131 12.64 1.49 6.22
CA GLY A 131 13.84 1.33 5.41
C GLY A 131 14.88 2.39 5.65
N ARG A 132 15.93 2.30 4.85
N ARG A 132 15.95 2.29 4.87
CA ARG A 132 17.07 3.22 4.94
CA ARG A 132 17.09 3.20 5.03
C ARG A 132 16.62 4.66 4.81
C ARG A 132 16.67 4.66 4.79
N VAL A 133 17.23 5.57 5.61
CA VAL A 133 16.90 7.00 5.56
C VAL A 133 17.90 7.76 4.69
N PHE A 134 18.98 7.09 4.24
CA PHE A 134 19.87 7.60 3.22
C PHE A 134 20.29 6.40 2.42
N HIS A 135 20.67 6.60 1.15
CA HIS A 135 21.20 5.50 0.36
C HIS A 135 22.43 4.93 1.08
N LYS A 136 22.41 3.62 1.31
CA LYS A 136 23.44 2.85 2.02
C LYS A 136 23.65 3.33 3.46
N GLY A 137 22.65 4.02 3.99
CA GLY A 137 22.67 4.55 5.35
C GLY A 137 21.89 3.72 6.37
N ALA A 138 21.72 4.25 7.53
CA ALA A 138 21.00 3.54 8.59
C ALA A 138 19.53 3.46 8.29
N SER A 139 18.90 2.44 8.87
CA SER A 139 17.48 2.29 8.78
C SER A 139 16.77 3.14 9.83
N ALA A 140 15.48 3.39 9.58
CA ALA A 140 14.70 4.20 10.50
C ALA A 140 14.34 3.46 11.78
N LEU A 141 14.19 4.18 12.87
CA LEU A 141 13.67 3.64 14.13
C LEU A 141 12.18 3.95 14.19
N VAL A 142 11.80 5.19 13.88
CA VAL A 142 10.42 5.63 13.83
C VAL A 142 9.94 5.53 12.39
N LEU A 143 8.72 4.94 12.20
CA LEU A 143 8.11 4.81 10.88
C LEU A 143 8.22 6.13 10.14
N GLN A 144 8.64 6.07 8.87
CA GLN A 144 8.73 7.25 8.02
C GLN A 144 7.63 7.24 6.97
N TYR A 145 7.18 8.46 6.55
CA TYR A 145 6.26 8.54 5.45
C TYR A 145 6.61 9.64 4.51
N LEU A 146 6.09 9.52 3.30
CA LEU A 146 6.39 10.48 2.24
C LEU A 146 5.34 10.45 1.14
N ARG A 147 4.95 11.65 0.68
CA ARG A 147 4.07 11.80 -0.49
C ARG A 147 4.96 11.76 -1.72
N VAL A 148 4.62 10.90 -2.69
CA VAL A 148 5.36 10.80 -3.93
C VAL A 148 4.43 10.98 -5.11
N PRO A 149 4.84 11.76 -6.12
CA PRO A 149 4.02 11.93 -7.32
C PRO A 149 4.32 10.82 -8.31
N LEU A 150 3.31 10.47 -9.09
CA LEU A 150 3.43 9.51 -10.16
C LEU A 150 4.28 10.13 -11.26
N VAL A 151 5.21 9.35 -11.83
CA VAL A 151 6.11 9.82 -12.85
C VAL A 151 5.67 9.24 -14.20
N ASP A 152 5.78 10.06 -15.26
CA ASP A 152 5.37 9.62 -16.58
C ASP A 152 6.18 8.43 -17.03
N ARG A 153 5.54 7.50 -17.74
CA ARG A 153 6.16 6.25 -18.19
C ARG A 153 7.50 6.44 -18.97
N ALA A 154 7.55 7.39 -19.90
CA ALA A 154 8.80 7.60 -20.67
C ALA A 154 9.97 8.06 -19.80
N THR A 155 9.70 8.93 -18.80
CA THR A 155 10.72 9.39 -17.86
C THR A 155 11.21 8.23 -17.02
N CYS A 156 10.26 7.42 -16.56
N CYS A 156 10.27 7.37 -16.53
CA CYS A 156 10.45 6.21 -15.78
CA CYS A 156 10.63 6.18 -15.73
C CYS A 156 11.36 5.20 -16.52
C CYS A 156 11.56 5.30 -16.59
N LEU A 157 11.13 5.01 -17.82
CA LEU A 157 11.94 4.12 -18.68
C LEU A 157 13.36 4.62 -18.94
N ARG A 158 13.51 5.90 -19.26
CA ARG A 158 14.83 6.51 -19.50
C ARG A 158 15.71 6.60 -18.22
N SER A 159 15.15 6.39 -17.03
CA SER A 159 15.87 6.50 -15.76
C SER A 159 16.68 5.28 -15.31
N THR A 160 16.42 4.09 -15.90
CA THR A 160 17.09 2.86 -15.49
C THR A 160 17.37 1.98 -16.69
N LYS A 161 18.41 1.16 -16.60
CA LYS A 161 18.74 0.19 -17.64
C LYS A 161 17.87 -1.08 -17.51
N PHE A 162 17.24 -1.31 -16.35
CA PHE A 162 16.39 -2.49 -16.15
C PHE A 162 15.00 -2.22 -16.71
N THR A 163 14.26 -3.27 -17.05
CA THR A 163 12.97 -3.11 -17.71
C THR A 163 11.85 -2.79 -16.73
N ILE A 164 10.99 -1.86 -17.12
CA ILE A 164 9.81 -1.50 -16.32
C ILE A 164 8.60 -1.94 -17.15
N TYR A 165 7.86 -2.96 -16.71
CA TYR A 165 6.68 -3.41 -17.44
C TYR A 165 5.46 -2.58 -17.04
N ASN A 166 4.35 -2.74 -17.81
CA ASN A 166 3.12 -1.98 -17.58
C ASN A 166 2.44 -2.31 -16.26
N ASN A 167 2.81 -3.42 -15.61
CA ASN A 167 2.29 -3.77 -14.26
C ASN A 167 3.13 -3.13 -13.12
N MET A 168 4.11 -2.28 -13.47
N MET A 168 3.94 -2.15 -13.48
CA MET A 168 4.92 -1.51 -12.50
CA MET A 168 4.75 -1.39 -12.55
C MET A 168 4.75 -0.02 -12.85
C MET A 168 4.51 0.05 -12.80
N PHE A 169 4.97 0.87 -11.86
CA PHE A 169 4.96 2.31 -12.08
C PHE A 169 6.13 2.89 -11.32
N CYS A 170 6.40 4.15 -11.63
N CYS A 170 6.53 4.11 -11.67
CA CYS A 170 7.47 4.92 -11.01
CA CYS A 170 7.53 4.77 -10.84
C CYS A 170 6.87 6.05 -10.23
C CYS A 170 7.01 6.08 -10.31
N ALA A 171 7.57 6.47 -9.17
CA ALA A 171 7.14 7.66 -8.44
C ALA A 171 8.36 8.28 -7.81
N GLY A 172 8.30 9.58 -7.60
CA GLY A 172 9.40 10.32 -7.01
C GLY A 172 9.53 11.68 -7.66
N PHE A 173 10.65 12.34 -7.42
CA PHE A 173 10.83 13.74 -7.79
C PHE A 173 11.98 13.92 -8.74
N HIS A 174 11.86 14.88 -9.65
CA HIS A 174 12.90 15.14 -10.63
C HIS A 174 14.26 15.45 -9.96
N GLU A 175 14.24 16.15 -8.84
CA GLU A 175 15.49 16.52 -8.16
C GLU A 175 16.02 15.44 -7.21
N GLY A 176 15.32 14.31 -7.10
CA GLY A 176 15.70 13.26 -6.18
C GLY A 176 15.41 13.73 -4.76
N GLY A 177 16.08 13.12 -3.78
CA GLY A 177 16.01 13.54 -2.37
C GLY A 177 14.85 13.01 -1.55
N ARG A 178 13.83 12.44 -2.21
CA ARG A 178 12.61 11.97 -1.62
C ARG A 178 12.22 10.67 -2.28
N ASP A 179 12.37 9.55 -1.60
CA ASP A 179 12.09 8.27 -2.22
C ASP A 179 11.97 7.16 -1.21
N SER A 180 11.38 6.03 -1.64
CA SER A 180 11.46 4.81 -0.87
C SER A 180 12.92 4.32 -0.96
N CYS A 181 13.29 3.35 -0.14
CA CYS A 181 14.66 2.84 -0.15
C CYS A 181 14.69 1.37 0.30
N GLN A 182 15.88 0.79 0.30
CA GLN A 182 16.05 -0.59 0.76
C GLN A 182 15.50 -0.76 2.15
N GLY A 183 14.74 -1.81 2.36
CA GLY A 183 14.07 -2.08 3.62
C GLY A 183 12.61 -1.64 3.63
N ASP A 184 12.23 -0.75 2.71
CA ASP A 184 10.83 -0.34 2.54
C ASP A 184 10.06 -1.29 1.64
N SER A 185 10.77 -2.11 0.87
CA SER A 185 10.12 -3.07 -0.05
C SER A 185 9.05 -3.84 0.63
N GLY A 186 7.94 -4.04 -0.09
CA GLY A 186 6.79 -4.77 0.41
C GLY A 186 5.77 -3.91 1.09
N GLY A 187 6.15 -2.71 1.48
CA GLY A 187 5.24 -1.77 2.10
C GLY A 187 4.26 -1.17 1.14
N PRO A 188 3.41 -0.30 1.69
CA PRO A 188 2.32 0.27 0.93
C PRO A 188 2.63 1.55 0.18
N HIS A 189 2.00 1.71 -1.00
CA HIS A 189 1.82 2.95 -1.66
C HIS A 189 0.30 3.14 -1.66
N VAL A 190 -0.19 4.17 -0.97
CA VAL A 190 -1.64 4.39 -0.81
C VAL A 190 -2.05 5.72 -1.38
N THR A 191 -3.31 5.78 -1.80
CA THR A 191 -3.88 7.00 -2.32
C THR A 191 -5.06 7.36 -1.42
N GLU A 192 -5.11 8.60 -0.97
CA GLU A 192 -6.15 9.09 -0.08
C GLU A 192 -7.32 9.60 -0.91
N VAL A 193 -8.52 9.07 -0.64
CA VAL A 193 -9.72 9.42 -1.41
C VAL A 193 -10.71 9.92 -0.40
N GLU A 194 -10.81 11.24 -0.29
CA GLU A 194 -11.71 11.85 0.67
C GLU A 194 -11.59 11.29 2.10
N GLY A 195 -10.36 11.14 2.59
CA GLY A 195 -10.12 10.67 3.96
C GLY A 195 -10.05 9.17 4.17
N THR A 196 -10.15 8.39 3.08
CA THR A 196 -10.05 6.94 3.15
C THR A 196 -8.91 6.56 2.24
N SER A 197 -7.93 5.84 2.77
CA SER A 197 -6.79 5.39 2.00
C SER A 197 -7.02 4.05 1.34
N PHE A 198 -6.61 3.96 0.06
CA PHE A 198 -6.72 2.76 -0.76
C PHE A 198 -5.34 2.31 -1.22
N LEU A 199 -5.11 1.04 -1.25
CA LEU A 199 -3.81 0.52 -1.69
C LEU A 199 -3.71 0.60 -3.21
N THR A 200 -2.70 1.34 -3.68
CA THR A 200 -2.48 1.53 -5.11
C THR A 200 -1.17 0.91 -5.60
N GLY A 201 -0.22 0.67 -4.70
CA GLY A 201 1.03 0.04 -5.11
C GLY A 201 1.69 -0.71 -3.98
N ILE A 202 2.63 -1.58 -4.37
CA ILE A 202 3.53 -2.25 -3.42
C ILE A 202 4.94 -1.68 -3.71
N ILE A 203 5.65 -1.23 -2.68
CA ILE A 203 7.02 -0.72 -2.84
C ILE A 203 7.86 -1.93 -3.28
N SER A 204 8.61 -1.81 -4.41
CA SER A 204 9.29 -2.95 -4.98
C SER A 204 10.78 -2.79 -5.03
N TRP A 205 11.32 -1.87 -5.84
CA TRP A 205 12.76 -1.81 -5.98
C TRP A 205 13.20 -0.47 -6.48
N GLY A 206 14.53 -0.32 -6.52
CA GLY A 206 15.17 0.86 -7.04
C GLY A 206 16.66 0.58 -7.03
N GLU A 207 17.46 1.57 -7.34
CA GLU A 207 18.92 1.42 -7.39
C GLU A 207 19.47 2.38 -6.36
N GLU A 208 20.01 3.54 -6.76
CA GLU A 208 20.52 4.49 -5.79
C GLU A 208 19.31 5.24 -5.25
N CYS A 209 18.95 5.03 -3.97
N CYS A 209 18.77 4.82 -4.11
CA CYS A 209 17.79 5.68 -3.38
CA CYS A 209 17.55 5.48 -3.67
C CYS A 209 17.89 7.15 -3.47
C CYS A 209 17.76 6.99 -3.43
N ALA A 210 16.81 7.80 -3.94
CA ALA A 210 16.75 9.25 -3.89
C ALA A 210 17.82 9.97 -4.69
N MET A 211 18.53 9.26 -5.56
CA MET A 211 19.53 9.94 -6.37
C MET A 211 18.81 10.70 -7.49
N LYS A 212 19.23 11.95 -7.74
CA LYS A 212 18.63 12.74 -8.81
C LYS A 212 18.72 11.95 -10.15
N GLY A 213 17.59 11.83 -10.80
CA GLY A 213 17.47 11.09 -12.05
C GLY A 213 16.99 9.67 -11.90
N LYS A 214 16.88 9.18 -10.64
CA LYS A 214 16.41 7.83 -10.33
C LYS A 214 15.06 7.93 -9.64
N TYR A 215 14.26 6.87 -9.72
CA TYR A 215 12.94 6.84 -9.12
C TYR A 215 12.70 5.50 -8.49
N GLY A 216 11.79 5.47 -7.53
CA GLY A 216 11.38 4.22 -6.91
C GLY A 216 10.45 3.50 -7.86
N ILE A 217 10.53 2.18 -7.89
CA ILE A 217 9.70 1.34 -8.75
C ILE A 217 8.75 0.55 -7.88
N TYR A 218 7.47 0.56 -8.31
CA TYR A 218 6.36 0.03 -7.54
C TYR A 218 5.57 -0.97 -8.35
N THR A 219 4.98 -1.93 -7.69
CA THR A 219 4.05 -2.91 -8.30
C THR A 219 2.67 -2.27 -8.34
N LYS A 220 2.03 -2.28 -9.52
CA LYS A 220 0.65 -1.77 -9.65
C LYS A 220 -0.28 -2.77 -9.01
N VAL A 221 -0.95 -2.40 -7.93
CA VAL A 221 -1.88 -3.31 -7.24
C VAL A 221 -3.12 -3.60 -8.06
N SER A 222 -3.53 -2.69 -8.98
CA SER A 222 -4.75 -2.93 -9.71
C SER A 222 -4.76 -4.26 -10.44
N ARG A 223 -3.59 -4.67 -10.94
CA ARG A 223 -3.44 -5.92 -11.67
C ARG A 223 -3.64 -7.18 -10.84
N TYR A 224 -3.63 -7.06 -9.52
CA TYR A 224 -3.69 -8.18 -8.60
C TYR A 224 -4.85 -8.14 -7.64
N VAL A 225 -5.72 -7.14 -7.72
CA VAL A 225 -6.82 -7.04 -6.77
C VAL A 225 -7.72 -8.27 -6.73
N ASN A 226 -8.06 -8.84 -7.88
CA ASN A 226 -8.95 -10.00 -7.87
C ASN A 226 -8.31 -11.17 -7.16
N TRP A 227 -7.01 -11.36 -7.36
CA TRP A 227 -6.25 -12.42 -6.71
C TRP A 227 -6.16 -12.15 -5.19
N ILE A 228 -5.87 -10.91 -4.79
CA ILE A 228 -5.86 -10.61 -3.38
C ILE A 228 -7.19 -10.94 -2.73
N LYS A 229 -8.31 -10.44 -3.32
N LYS A 229 -8.30 -10.45 -3.34
CA LYS A 229 -9.64 -10.61 -2.72
CA LYS A 229 -9.66 -10.61 -2.81
C LYS A 229 -10.03 -12.08 -2.64
C LYS A 229 -10.01 -12.07 -2.66
N GLU A 230 -9.69 -12.88 -3.67
CA GLU A 230 -9.98 -14.30 -3.66
C GLU A 230 -9.20 -15.06 -2.60
N LYS A 231 -7.89 -14.81 -2.50
CA LYS A 231 -7.05 -15.53 -1.56
C LYS A 231 -7.26 -15.16 -0.09
N THR A 232 -7.62 -13.90 0.21
CA THR A 232 -7.76 -13.41 1.57
C THR A 232 -9.17 -13.38 2.12
N LYS A 233 -10.19 -13.81 1.31
CA LYS A 233 -11.60 -13.83 1.75
C LYS A 233 -11.76 -14.67 3.02
N LEU A 234 -12.41 -14.13 4.06
CA LEU A 234 -12.60 -14.82 5.33
C LEU A 234 -13.99 -15.41 5.49
N THR A 235 -14.93 -14.96 4.64
CA THR A 235 -16.33 -15.42 4.65
C THR A 235 -16.60 -16.44 3.55
N MET B 1 -28.56 19.37 -15.27
CA MET B 1 -27.20 19.23 -15.81
C MET B 1 -26.81 17.74 -16.00
N ASP B 2 -25.69 17.48 -16.70
CA ASP B 2 -25.20 16.13 -16.99
C ASP B 2 -24.68 15.49 -15.70
N VAL B 3 -25.14 14.27 -15.36
CA VAL B 3 -24.73 13.56 -14.15
C VAL B 3 -24.28 12.19 -14.61
N THR B 4 -22.97 11.94 -14.55
CA THR B 4 -22.42 10.67 -15.00
C THR B 4 -21.23 10.39 -14.14
N CYS B 5 -20.80 9.14 -14.14
CA CYS B 5 -19.61 8.79 -13.39
C CYS B 5 -18.34 9.39 -13.94
N ASN B 6 -18.33 9.79 -15.20
CA ASN B 6 -17.11 10.40 -15.72
C ASN B 6 -16.95 11.85 -15.30
N ILE B 7 -18.01 12.49 -14.78
CA ILE B 7 -17.94 13.88 -14.36
C ILE B 7 -17.92 13.93 -12.83
N LYS B 8 -16.78 14.29 -12.26
CA LYS B 8 -16.60 14.39 -10.81
C LYS B 8 -17.04 13.12 -10.09
N ASN B 9 -16.80 11.98 -10.73
CA ASN B 9 -17.16 10.66 -10.13
C ASN B 9 -18.64 10.61 -9.75
N GLY B 10 -19.50 11.32 -10.49
CA GLY B 10 -20.92 11.36 -10.13
C GLY B 10 -21.22 12.00 -8.79
N ARG B 11 -20.27 12.73 -8.26
CA ARG B 11 -20.25 13.30 -6.93
C ARG B 11 -20.26 12.22 -5.84
N CYS B 12 -19.94 10.99 -6.21
CA CYS B 12 -19.80 9.90 -5.25
C CYS B 12 -18.47 10.05 -4.52
N GLU B 13 -18.49 9.83 -3.20
CA GLU B 13 -17.24 9.94 -2.44
C GLU B 13 -16.27 8.86 -2.81
N GLN B 14 -16.71 7.60 -3.02
CA GLN B 14 -15.84 6.49 -3.35
C GLN B 14 -16.15 6.01 -4.76
N PHE B 15 -17.19 5.15 -4.93
CA PHE B 15 -17.42 4.52 -6.22
C PHE B 15 -18.71 4.96 -6.86
N CYS B 16 -18.75 4.95 -8.19
CA CYS B 16 -19.89 5.38 -8.97
C CYS B 16 -20.25 4.32 -10.00
N LYS B 17 -21.53 4.14 -10.26
CA LYS B 17 -22.04 3.29 -11.34
C LYS B 17 -23.11 4.08 -12.08
N ASN B 18 -23.06 4.08 -13.41
CA ASN B 18 -24.09 4.78 -14.17
C ASN B 18 -25.39 3.99 -14.07
N SER B 19 -26.51 4.68 -13.94
N SER B 19 -26.49 4.73 -13.87
CA SER B 19 -27.78 3.98 -13.83
CA SER B 19 -27.84 4.18 -13.69
C SER B 19 -28.77 4.58 -14.83
C SER B 19 -28.80 4.80 -14.68
N ALA B 20 -30.06 4.38 -14.61
CA ALA B 20 -31.08 4.86 -15.55
C ALA B 20 -31.42 6.32 -15.43
N ASP B 21 -31.94 6.91 -16.55
CA ASP B 21 -32.42 8.29 -16.60
C ASP B 21 -31.43 9.39 -16.16
N ASN B 22 -30.18 9.38 -16.67
CA ASN B 22 -29.14 10.41 -16.37
C ASN B 22 -28.84 10.46 -14.85
N LYS B 23 -28.85 9.29 -14.22
CA LYS B 23 -28.59 9.21 -12.79
C LYS B 23 -27.41 8.28 -12.55
N VAL B 24 -26.88 8.35 -11.36
CA VAL B 24 -25.83 7.45 -10.93
C VAL B 24 -26.21 6.80 -9.64
N VAL B 25 -25.51 5.70 -9.33
CA VAL B 25 -25.61 5.03 -8.06
C VAL B 25 -24.24 5.02 -7.44
N CYS B 26 -24.10 5.59 -6.25
CA CYS B 26 -22.83 5.59 -5.54
C CYS B 26 -22.75 4.36 -4.67
N SER B 27 -21.51 4.02 -4.31
CA SER B 27 -21.24 2.92 -3.41
C SER B 27 -19.94 3.13 -2.70
N CYS B 28 -19.67 2.25 -1.74
CA CYS B 28 -18.52 2.40 -0.86
C CYS B 28 -17.83 1.05 -0.72
N THR B 29 -16.59 1.08 -0.21
CA THR B 29 -15.86 -0.16 0.05
C THR B 29 -16.42 -0.88 1.29
N GLU B 30 -15.97 -2.11 1.51
CA GLU B 30 -16.38 -2.90 2.67
C GLU B 30 -16.16 -2.11 3.97
N GLY B 31 -17.11 -2.19 4.87
CA GLY B 31 -17.02 -1.51 6.15
C GLY B 31 -17.66 -0.13 6.18
N TYR B 32 -18.14 0.35 5.03
CA TYR B 32 -18.79 1.65 4.94
C TYR B 32 -20.20 1.46 4.41
N ARG B 33 -21.05 2.44 4.67
CA ARG B 33 -22.43 2.47 4.21
C ARG B 33 -22.63 3.75 3.45
N LEU B 34 -23.44 3.71 2.40
CA LEU B 34 -23.79 4.88 1.66
C LEU B 34 -24.73 5.70 2.54
N ALA B 35 -24.43 6.97 2.72
CA ALA B 35 -25.15 7.86 3.59
C ALA B 35 -26.49 8.31 2.99
N GLU B 36 -27.33 8.92 3.83
CA GLU B 36 -28.64 9.39 3.39
C GLU B 36 -28.56 10.45 2.27
N ASN B 37 -27.44 11.22 2.14
CA ASN B 37 -27.29 12.16 1.02
C ASN B 37 -26.98 11.46 -0.32
N GLN B 38 -26.84 10.11 -0.27
CA GLN B 38 -26.68 9.23 -1.43
C GLN B 38 -25.32 9.31 -2.08
N LYS B 39 -24.38 10.06 -1.50
CA LYS B 39 -23.09 10.28 -2.11
C LYS B 39 -21.94 9.90 -1.20
N SER B 40 -22.07 10.25 0.10
CA SER B 40 -21.01 10.05 1.07
C SER B 40 -20.97 8.64 1.62
N CYS B 41 -19.82 8.31 2.22
CA CYS B 41 -19.56 7.00 2.80
C CYS B 41 -19.33 7.12 4.28
N GLU B 42 -20.13 6.42 5.07
CA GLU B 42 -20.03 6.47 6.52
C GLU B 42 -19.56 5.16 7.07
N PRO B 43 -18.77 5.15 8.17
CA PRO B 43 -18.40 3.87 8.76
C PRO B 43 -19.59 3.06 9.21
N ALA B 44 -19.51 1.75 8.96
CA ALA B 44 -20.55 0.80 9.35
C ALA B 44 -20.03 -0.30 10.28
N VAL B 45 -18.72 -0.23 10.64
CA VAL B 45 -18.07 -1.18 11.53
C VAL B 45 -17.19 -0.37 12.47
N PRO B 46 -16.71 -0.95 13.59
CA PRO B 46 -15.88 -0.19 14.50
C PRO B 46 -14.57 0.35 13.92
N PHE B 47 -13.86 -0.42 13.11
CA PHE B 47 -12.55 -0.02 12.59
C PHE B 47 -12.52 -0.20 11.06
N PRO B 48 -13.22 0.69 10.33
CA PRO B 48 -13.23 0.56 8.88
C PRO B 48 -11.86 0.76 8.27
N CYS B 49 -11.67 0.10 7.15
CA CYS B 49 -10.39 0.21 6.45
C CYS B 49 -10.02 1.62 6.06
N GLY B 50 -8.72 1.85 6.00
CA GLY B 50 -8.14 3.04 5.41
C GLY B 50 -8.42 4.34 6.11
N ARG B 51 -8.87 4.27 7.36
CA ARG B 51 -9.17 5.45 8.12
C ARG B 51 -8.20 5.67 9.25
N VAL B 52 -7.78 6.92 9.45
CA VAL B 52 -6.98 7.29 10.59
C VAL B 52 -7.98 7.70 11.67
N SER B 53 -7.94 7.02 12.84
CA SER B 53 -8.85 7.29 13.93
C SER B 53 -8.14 7.79 15.18
N VAL B 54 -6.81 7.57 15.31
CA VAL B 54 -6.05 8.03 16.47
C VAL B 54 -5.91 9.52 16.31
N SER B 55 -6.07 10.28 17.41
CA SER B 55 -5.89 11.73 17.35
C SER B 55 -4.51 12.04 16.81
N GLN B 56 -4.45 12.95 15.83
CA GLN B 56 -3.17 13.36 15.24
C GLN B 56 -2.65 14.68 15.88
N THR B 57 -2.97 14.91 17.18
CA THR B 57 -2.57 16.09 17.98
C THR B 57 -3.21 17.38 17.46
#